data_7U4F
#
_entry.id   7U4F
#
_cell.length_a   136.153
_cell.length_b   136.153
_cell.length_c   150.767
_cell.angle_alpha   90.000
_cell.angle_beta   90.000
_cell.angle_gamma   90.000
#
_symmetry.space_group_name_H-M   'I 4 2 2'
#
loop_
_entity.id
_entity.type
_entity.pdbx_description
1 polymer Neuraminidase
2 branched alpha-D-mannopyranose-(1-2)-alpha-D-mannopyranose-(1-3)-[alpha-D-mannopyranose-(1-3)-alpha-D-mannopyranose-(1-6)]beta-D-mannopyranose-(1-4)-2-acetamido-2-deoxy-beta-D-glucopyranose-(1-4)-2-acetamido-2-deoxy-beta-D-glucopyranose
3 branched beta-D-mannopyranose-(1-4)-2-acetamido-2-deoxy-beta-D-glucopyranose
4 non-polymer 'CALCIUM ION'
5 non-polymer 'SULFATE ION'
6 water water
#
_entity_poly.entity_id   1
_entity_poly.type   'polypeptide(L)'
_entity_poly.pdbx_seq_one_letter_code
;GSPSRAEYRNWSKPQCNITGFAPFSKDNSIRLSAGGDIWVTREPYVSCDPDKCYQFALGQGTTLNNGHSNDTVHDRTPYR
TLLMNELGVPFHLGTKQVCIAWSSSSCHDGKAWLHVCVTGDDENATASFIYNGRLVDSIGSWSKKILRTQESECVCINGT
CTVVMTDGSASGKADTKILFIEEGKIVHTSPLSGSAQHVEECSCYPRYPGVRCVCRDNWKGSNRPIVDINVKDYSIVSSY
VCSGLVGDTPRKNDSSSSSHCLDPNNEEGGHGVKGWAFDDGNDVWMGRTISEKLRSGYETFKVIEGWSKPNSKLQINRQV
IVDRGNRSGYSGIFSVEGKSCINRCFYVELIRGRKQETEVLWTSNSIVVFCGTSGTYGTGSWPDGADINLMPI
;
_entity_poly.pdbx_strand_id   A
#
# COMPACT_ATOMS: atom_id res chain seq x y z
N ALA A 6 2.67 19.08 -21.06
CA ALA A 6 2.01 18.22 -20.05
C ALA A 6 0.92 18.99 -19.30
N GLU A 7 -0.14 18.25 -18.93
CA GLU A 7 -1.28 18.82 -18.21
C GLU A 7 -1.39 18.06 -16.88
N TYR A 8 -2.03 18.69 -15.90
CA TYR A 8 -2.36 17.97 -14.68
C TYR A 8 -3.35 16.87 -14.98
N ARG A 9 -3.16 15.73 -14.29
CA ARG A 9 -4.19 14.68 -14.26
C ARG A 9 -5.39 15.15 -13.44
N ASN A 10 -6.59 14.85 -13.97
CA ASN A 10 -7.80 14.98 -13.19
C ASN A 10 -8.47 13.65 -12.87
N TRP A 11 -8.12 12.56 -13.57
CA TRP A 11 -8.72 11.24 -13.34
C TRP A 11 -10.25 11.30 -13.50
N SER A 12 -10.72 12.10 -14.47
N SER A 12 -10.73 12.06 -14.48
CA SER A 12 -12.17 12.32 -14.56
CA SER A 12 -12.16 12.34 -14.56
C SER A 12 -12.94 11.25 -15.34
C SER A 12 -12.96 11.18 -15.17
N LYS A 13 -12.28 10.27 -15.88
CA LYS A 13 -12.95 9.21 -16.60
C LYS A 13 -13.58 8.23 -15.62
N PRO A 14 -14.63 7.45 -16.03
CA PRO A 14 -15.23 6.47 -15.14
C PRO A 14 -14.27 5.31 -14.83
N GLN A 15 -14.56 4.60 -13.76
CA GLN A 15 -13.80 3.38 -13.44
C GLN A 15 -14.09 2.36 -14.54
N CYS A 16 -13.04 1.65 -14.96
CA CYS A 16 -13.26 0.55 -15.90
C CYS A 16 -14.18 -0.54 -15.32
N ASN A 17 -14.85 -1.24 -16.24
CA ASN A 17 -15.52 -2.48 -15.85
C ASN A 17 -14.48 -3.53 -15.40
N ILE A 18 -14.80 -4.25 -14.36
CA ILE A 18 -13.88 -5.21 -13.74
C ILE A 18 -14.62 -6.55 -13.71
N THR A 19 -14.03 -7.59 -14.33
CA THR A 19 -14.52 -8.95 -14.10
C THR A 19 -13.57 -9.76 -13.21
N GLY A 20 -12.43 -9.15 -12.82
CA GLY A 20 -11.37 -9.82 -12.04
C GLY A 20 -10.09 -9.14 -12.48
N PHE A 21 -9.00 -9.90 -12.31
CA PHE A 21 -7.67 -9.31 -12.50
C PHE A 21 -6.80 -10.24 -13.35
N ALA A 22 -5.89 -9.63 -14.12
CA ALA A 22 -4.98 -10.38 -15.00
C ALA A 22 -3.54 -10.08 -14.57
N PRO A 23 -2.63 -11.02 -14.85
CA PRO A 23 -1.21 -10.82 -14.46
C PRO A 23 -0.64 -9.61 -15.21
N PHE A 24 0.21 -8.83 -14.48
CA PHE A 24 0.82 -7.66 -15.07
C PHE A 24 2.35 -7.65 -14.92
N SER A 25 2.89 -7.95 -13.73
CA SER A 25 4.36 -7.88 -13.57
C SER A 25 4.80 -8.76 -12.41
N LYS A 26 6.07 -9.16 -12.44
CA LYS A 26 6.68 -9.91 -11.33
C LYS A 26 8.17 -9.66 -11.41
N ASP A 27 8.84 -9.43 -10.26
CA ASP A 27 10.26 -9.09 -10.39
C ASP A 27 11.23 -10.20 -9.98
N ASN A 28 10.77 -11.28 -9.28
CA ASN A 28 11.64 -12.43 -8.97
C ASN A 28 12.88 -11.99 -8.20
N SER A 29 12.80 -10.95 -7.39
CA SER A 29 13.94 -10.30 -6.74
CA SER A 29 14.03 -10.36 -6.89
C SER A 29 14.78 -11.25 -5.91
N ILE A 30 14.11 -12.10 -5.12
CA ILE A 30 14.82 -12.93 -4.14
C ILE A 30 15.56 -14.07 -4.87
N ARG A 31 14.90 -14.70 -5.86
CA ARG A 31 15.62 -15.68 -6.68
C ARG A 31 16.86 -15.05 -7.31
N LEU A 32 16.76 -13.82 -7.86
CA LEU A 32 17.89 -13.15 -8.49
C LEU A 32 18.98 -12.82 -7.47
N SER A 33 18.59 -12.55 -6.21
CA SER A 33 19.62 -12.09 -5.27
CA SER A 33 19.54 -12.13 -5.16
C SER A 33 20.57 -13.22 -4.85
N ALA A 34 20.26 -14.47 -5.18
CA ALA A 34 21.17 -15.63 -4.96
C ALA A 34 22.23 -15.67 -6.06
N GLY A 35 22.19 -14.83 -7.04
CA GLY A 35 23.20 -14.81 -8.10
C GLY A 35 23.23 -13.44 -8.76
N GLY A 36 23.48 -12.42 -7.92
CA GLY A 36 23.40 -11.04 -8.39
C GLY A 36 23.34 -10.11 -7.18
N ASP A 37 23.74 -8.87 -7.42
CA ASP A 37 23.74 -7.86 -6.34
C ASP A 37 22.42 -7.11 -6.39
N ILE A 38 21.51 -7.47 -5.49
CA ILE A 38 20.13 -6.98 -5.46
C ILE A 38 19.86 -6.39 -4.09
N TRP A 39 19.20 -5.21 -4.09
CA TRP A 39 18.85 -4.55 -2.84
C TRP A 39 18.01 -5.41 -1.92
N VAL A 40 18.24 -5.26 -0.61
CA VAL A 40 17.29 -5.72 0.39
C VAL A 40 16.24 -4.65 0.59
N THR A 41 14.96 -5.07 0.55
CA THR A 41 13.82 -4.12 0.59
C THR A 41 12.76 -4.63 1.55
N ARG A 42 11.77 -3.75 1.77
CA ARG A 42 10.43 -4.12 2.22
C ARG A 42 9.55 -2.92 1.87
N GLU A 43 8.22 -3.10 2.12
CA GLU A 43 7.23 -2.03 1.87
C GLU A 43 7.29 -1.49 0.43
N PRO A 44 7.16 -2.37 -0.57
CA PRO A 44 7.15 -1.93 -1.99
C PRO A 44 5.81 -1.32 -2.37
N TYR A 45 5.80 -0.65 -3.51
CA TYR A 45 4.53 -0.26 -4.13
C TYR A 45 4.79 0.09 -5.59
N VAL A 46 3.72 0.41 -6.32
CA VAL A 46 3.77 0.72 -7.74
C VAL A 46 3.05 2.06 -7.94
N SER A 47 3.56 2.90 -8.83
CA SER A 47 2.84 4.10 -9.26
C SER A 47 3.27 4.41 -10.69
N CYS A 48 2.34 4.94 -11.50
CA CYS A 48 2.67 5.19 -12.90
C CYS A 48 2.61 6.67 -13.25
N ASP A 49 3.57 7.11 -14.05
CA ASP A 49 3.40 8.42 -14.71
C ASP A 49 2.48 8.20 -15.90
N PRO A 50 2.12 9.22 -16.72
CA PRO A 50 1.12 9.00 -17.77
C PRO A 50 1.55 7.99 -18.84
N ASP A 51 2.84 7.74 -18.97
CA ASP A 51 3.31 6.75 -19.95
C ASP A 51 3.64 5.36 -19.42
N LYS A 52 4.23 5.28 -18.22
CA LYS A 52 4.73 3.98 -17.78
C LYS A 52 4.78 3.91 -16.26
N CYS A 53 4.82 2.64 -15.82
CA CYS A 53 4.78 2.33 -14.41
C CYS A 53 6.16 2.12 -13.82
N TYR A 54 6.26 2.47 -12.54
CA TYR A 54 7.48 2.31 -11.75
C TYR A 54 7.21 1.50 -10.49
N GLN A 55 8.21 0.69 -10.09
CA GLN A 55 8.19 0.06 -8.79
C GLN A 55 9.07 0.83 -7.83
N PHE A 56 8.60 0.83 -6.58
CA PHE A 56 9.24 1.51 -5.48
C PHE A 56 9.37 0.56 -4.31
N ALA A 57 10.35 0.81 -3.42
CA ALA A 57 10.39 0.10 -2.12
C ALA A 57 11.35 0.80 -1.21
N LEU A 58 11.27 0.48 0.07
CA LEU A 58 12.24 1.01 1.02
C LEU A 58 13.43 0.06 1.12
N GLY A 59 14.57 0.55 0.63
CA GLY A 59 15.79 -0.21 0.79
C GLY A 59 16.22 -0.30 2.26
N GLN A 60 17.16 -1.24 2.53
CA GLN A 60 17.78 -1.35 3.84
C GLN A 60 19.25 -0.94 3.81
N GLY A 61 19.64 -0.15 2.79
CA GLY A 61 21.02 0.33 2.73
C GLY A 61 22.04 -0.76 2.43
N THR A 62 21.61 -1.86 1.79
CA THR A 62 22.48 -3.01 1.59
C THR A 62 21.86 -3.84 0.47
N THR A 63 22.74 -4.60 -0.19
CA THR A 63 22.33 -5.75 -0.99
C THR A 63 22.14 -6.98 -0.11
N LEU A 64 21.57 -8.05 -0.72
CA LEU A 64 21.28 -9.26 0.09
C LEU A 64 22.52 -10.08 0.39
N ASN A 65 23.34 -10.35 -0.64
CA ASN A 65 24.58 -11.10 -0.47
C ASN A 65 25.65 -10.09 0.00
N ASN A 66 25.60 -9.82 1.28
CA ASN A 66 26.34 -8.70 1.87
C ASN A 66 26.19 -8.90 3.38
N GLY A 67 27.25 -8.74 4.15
CA GLY A 67 27.15 -8.91 5.58
C GLY A 67 26.14 -7.95 6.21
N HIS A 68 25.94 -6.75 5.58
CA HIS A 68 25.00 -5.77 6.16
C HIS A 68 23.55 -6.21 6.00
N SER A 69 23.26 -7.33 5.31
CA SER A 69 21.84 -7.76 5.29
C SER A 69 21.44 -8.46 6.60
N ASN A 70 22.37 -8.79 7.49
CA ASN A 70 22.00 -9.37 8.80
C ASN A 70 21.08 -8.40 9.54
N ASP A 71 20.01 -8.97 10.11
CA ASP A 71 19.09 -8.27 11.02
C ASP A 71 18.46 -7.04 10.35
N THR A 72 17.99 -7.25 9.13
CA THR A 72 17.21 -6.26 8.34
C THR A 72 15.70 -6.44 8.57
N VAL A 73 15.32 -7.16 9.63
CA VAL A 73 13.90 -7.24 9.97
C VAL A 73 13.36 -5.89 10.48
N HIS A 74 14.21 -5.04 11.01
CA HIS A 74 13.70 -3.84 11.64
C HIS A 74 13.16 -2.80 10.65
N ASP A 75 12.12 -2.08 11.03
CA ASP A 75 11.47 -1.15 10.10
C ASP A 75 12.21 0.17 9.89
N ARG A 76 12.91 0.69 10.89
CA ARG A 76 13.40 2.07 10.79
C ARG A 76 14.89 2.11 11.12
N THR A 77 15.67 2.56 10.12
CA THR A 77 17.09 2.84 10.34
C THR A 77 17.44 4.07 9.52
N PRO A 78 18.58 4.74 9.79
CA PRO A 78 18.96 5.92 9.01
C PRO A 78 19.49 5.58 7.61
N TYR A 79 19.55 4.27 7.29
CA TYR A 79 20.14 3.86 6.01
C TYR A 79 19.03 3.54 5.04
N ARG A 80 17.76 3.49 5.45
CA ARG A 80 16.69 3.20 4.51
C ARG A 80 16.45 4.40 3.60
N THR A 81 16.29 4.10 2.32
CA THR A 81 16.05 5.09 1.27
C THR A 81 14.98 4.55 0.35
N LEU A 82 14.24 5.45 -0.31
CA LEU A 82 13.21 5.02 -1.25
C LEU A 82 13.86 4.74 -2.60
N LEU A 83 13.70 3.52 -3.08
CA LEU A 83 14.21 3.08 -4.38
C LEU A 83 13.12 3.24 -5.43
N MET A 84 13.53 3.57 -6.67
CA MET A 84 12.56 3.72 -7.76
C MET A 84 13.18 3.27 -9.06
N ASN A 85 12.53 2.30 -9.73
CA ASN A 85 12.94 1.82 -11.06
CA ASN A 85 12.93 2.09 -11.13
C ASN A 85 11.70 1.63 -11.90
N GLU A 86 11.85 1.48 -13.24
CA GLU A 86 10.67 1.08 -14.03
C GLU A 86 10.17 -0.28 -13.52
N LEU A 87 8.85 -0.47 -13.61
CA LEU A 87 8.25 -1.71 -13.12
C LEU A 87 8.80 -2.91 -13.89
N GLY A 88 9.21 -3.93 -13.12
CA GLY A 88 9.76 -5.16 -13.72
C GLY A 88 11.28 -5.12 -13.77
N VAL A 89 11.90 -3.98 -13.49
CA VAL A 89 13.38 -3.93 -13.34
C VAL A 89 13.67 -4.20 -11.88
N PRO A 90 14.34 -5.28 -11.51
CA PRO A 90 14.60 -5.53 -10.09
C PRO A 90 15.56 -4.47 -9.55
N PHE A 91 15.52 -4.30 -8.24
CA PHE A 91 16.36 -3.23 -7.62
C PHE A 91 17.81 -3.65 -7.57
N HIS A 92 18.58 -3.11 -8.49
CA HIS A 92 19.98 -3.50 -8.75
C HIS A 92 20.80 -2.27 -8.36
N LEU A 93 22.17 -2.38 -8.54
CA LEU A 93 23.02 -1.31 -8.01
C LEU A 93 22.95 0.00 -8.78
N GLY A 94 22.38 0.01 -9.99
CA GLY A 94 22.11 1.25 -10.70
C GLY A 94 20.80 1.94 -10.30
N THR A 95 20.05 1.37 -9.35
CA THR A 95 18.75 1.97 -9.00
C THR A 95 18.95 3.26 -8.23
N LYS A 96 18.12 4.26 -8.56
CA LYS A 96 18.17 5.53 -7.84
C LYS A 96 17.48 5.47 -6.48
N GLN A 97 18.22 5.93 -5.48
CA GLN A 97 17.64 6.18 -4.15
C GLN A 97 17.12 7.62 -4.14
N VAL A 98 15.79 7.76 -4.26
CA VAL A 98 15.26 9.11 -4.52
CA VAL A 98 15.11 9.05 -4.47
C VAL A 98 15.17 9.96 -3.26
N CYS A 99 15.18 9.39 -2.07
CA CYS A 99 15.18 10.20 -0.82
C CYS A 99 15.50 9.28 0.35
N ILE A 100 15.81 9.88 1.50
CA ILE A 100 16.02 9.12 2.75
C ILE A 100 14.65 8.85 3.34
N ALA A 101 14.32 7.57 3.59
CA ALA A 101 12.95 7.24 4.01
C ALA A 101 12.92 5.88 4.68
N TRP A 102 12.25 5.84 5.87
CA TRP A 102 11.76 4.57 6.43
C TRP A 102 10.22 4.51 6.39
N SER A 103 9.58 5.51 5.76
CA SER A 103 8.16 5.46 5.42
C SER A 103 8.00 6.39 4.22
N SER A 104 7.14 6.05 3.25
CA SER A 104 7.07 6.91 2.08
C SER A 104 5.72 6.79 1.38
N SER A 105 5.50 7.76 0.46
CA SER A 105 4.42 7.71 -0.55
C SER A 105 4.88 8.52 -1.75
N SER A 106 4.49 8.11 -2.95
CA SER A 106 4.87 8.84 -4.18
C SER A 106 3.71 8.89 -5.13
N CYS A 107 3.69 9.92 -5.99
CA CYS A 107 2.66 9.97 -7.02
C CYS A 107 3.03 11.06 -8.04
N HIS A 108 2.45 10.92 -9.23
CA HIS A 108 2.77 11.81 -10.35
C HIS A 108 1.50 12.61 -10.61
N ASP A 109 1.66 13.93 -10.73
CA ASP A 109 0.47 14.79 -10.89
C ASP A 109 0.12 15.04 -12.35
N GLY A 110 0.80 14.38 -13.31
CA GLY A 110 0.63 14.64 -14.74
C GLY A 110 1.81 15.44 -15.29
N LYS A 111 2.48 16.21 -14.42
CA LYS A 111 3.63 17.02 -14.83
C LYS A 111 4.91 16.52 -14.16
N ALA A 112 4.89 16.11 -12.88
CA ALA A 112 6.11 15.72 -12.19
C ALA A 112 5.77 14.78 -11.04
N TRP A 113 6.82 14.16 -10.48
CA TRP A 113 6.71 13.30 -9.32
C TRP A 113 6.76 14.09 -8.01
N LEU A 114 5.87 13.70 -7.07
CA LEU A 114 5.96 14.04 -5.66
C LEU A 114 6.44 12.80 -4.90
N HIS A 115 7.35 13.02 -3.95
CA HIS A 115 7.73 11.98 -2.98
C HIS A 115 7.59 12.57 -1.59
N VAL A 116 6.97 11.78 -0.71
CA VAL A 116 6.86 12.11 0.72
C VAL A 116 7.73 11.09 1.43
N CYS A 117 8.79 11.56 2.14
CA CYS A 117 9.82 10.67 2.65
C CYS A 117 10.06 10.96 4.12
N VAL A 118 9.78 10.01 5.02
CA VAL A 118 9.91 10.21 6.46
C VAL A 118 11.15 9.50 6.99
N THR A 119 12.02 10.20 7.74
CA THR A 119 13.19 9.59 8.35
C THR A 119 13.50 10.26 9.68
N GLY A 120 14.50 9.78 10.37
CA GLY A 120 14.98 10.36 11.64
C GLY A 120 14.48 9.60 12.87
N ASP A 121 14.61 10.24 14.02
CA ASP A 121 14.31 9.58 15.28
C ASP A 121 12.84 9.24 15.41
N ASP A 122 12.57 8.12 16.08
CA ASP A 122 11.16 7.72 16.25
C ASP A 122 10.31 8.80 16.91
N GLU A 123 10.89 9.48 17.91
CA GLU A 123 10.11 10.45 18.66
C GLU A 123 10.16 11.84 18.03
N ASN A 124 10.85 12.03 16.90
CA ASN A 124 10.96 13.39 16.35
C ASN A 124 11.38 13.26 14.89
N ALA A 125 10.54 12.64 14.09
CA ALA A 125 10.90 12.38 12.67
C ALA A 125 10.73 13.64 11.85
N THR A 126 11.27 13.62 10.60
CA THR A 126 11.07 14.68 9.61
C THR A 126 10.47 14.05 8.37
N ALA A 127 9.42 14.66 7.81
CA ALA A 127 8.92 14.29 6.47
C ALA A 127 9.39 15.35 5.49
N SER A 128 10.09 14.92 4.44
CA SER A 128 10.47 15.80 3.33
C SER A 128 9.52 15.60 2.17
N PHE A 129 9.22 16.69 1.47
CA PHE A 129 8.31 16.72 0.32
C PHE A 129 9.12 17.19 -0.88
N ILE A 130 9.39 16.27 -1.79
CA ILE A 130 10.27 16.49 -2.94
C ILE A 130 9.39 16.45 -4.19
N TYR A 131 9.44 17.51 -5.03
CA TYR A 131 8.61 17.60 -6.21
C TYR A 131 9.48 18.04 -7.38
N ASN A 132 9.32 17.36 -8.53
CA ASN A 132 10.11 17.72 -9.72
C ASN A 132 11.60 17.80 -9.34
N GLY A 133 12.08 16.86 -8.52
CA GLY A 133 13.53 16.76 -8.31
C GLY A 133 14.10 17.71 -7.29
N ARG A 134 13.26 18.40 -6.50
CA ARG A 134 13.84 19.34 -5.53
C ARG A 134 13.02 19.31 -4.25
N LEU A 135 13.66 19.63 -3.12
CA LEU A 135 12.92 19.69 -1.87
C LEU A 135 12.11 20.98 -1.81
N VAL A 136 10.83 20.86 -1.58
CA VAL A 136 9.92 22.02 -1.55
C VAL A 136 9.39 22.29 -0.14
N ASP A 137 9.21 21.24 0.70
CA ASP A 137 8.60 21.47 2.01
C ASP A 137 9.09 20.39 2.96
N SER A 138 8.87 20.63 4.24
CA SER A 138 9.09 19.61 5.27
C SER A 138 8.21 19.85 6.48
N ILE A 139 7.90 18.77 7.20
CA ILE A 139 7.28 18.94 8.51
C ILE A 139 7.96 18.04 9.51
N GLY A 140 7.90 18.43 10.79
CA GLY A 140 8.25 17.54 11.87
C GLY A 140 7.05 16.81 12.45
N SER A 141 7.34 15.82 13.27
CA SER A 141 6.31 15.03 13.92
C SER A 141 5.45 15.90 14.83
N TRP A 142 4.13 15.70 14.75
CA TRP A 142 3.20 16.46 15.57
C TRP A 142 2.88 15.76 16.88
N SER A 143 3.03 14.44 17.00
CA SER A 143 2.70 13.70 18.22
C SER A 143 3.90 12.96 18.82
N LYS A 144 5.09 13.08 18.18
CA LYS A 144 6.31 12.52 18.76
C LYS A 144 6.28 11.00 18.93
N LYS A 145 5.60 10.33 18.00
CA LYS A 145 5.40 8.89 18.11
C LYS A 145 5.32 8.30 16.69
N ILE A 146 6.46 8.34 16.00
CA ILE A 146 6.65 7.67 14.72
C ILE A 146 5.69 8.23 13.64
N LEU A 147 5.93 9.46 13.21
CA LEU A 147 5.27 9.99 12.04
C LEU A 147 5.45 9.02 10.88
N ARG A 148 4.39 8.75 10.13
CA ARG A 148 4.46 7.66 9.15
C ARG A 148 3.37 7.86 8.11
N THR A 149 3.49 7.16 6.96
CA THR A 149 2.56 7.38 5.84
C THR A 149 2.20 6.08 5.12
N GLN A 150 1.77 6.22 3.84
CA GLN A 150 0.93 5.19 3.23
C GLN A 150 1.67 3.90 2.87
N GLU A 151 2.91 4.05 2.39
CA GLU A 151 3.66 2.93 1.78
C GLU A 151 2.98 2.49 0.48
N SER A 152 2.28 3.41 -0.20
CA SER A 152 1.74 3.20 -1.53
C SER A 152 1.43 4.55 -2.15
N GLU A 153 0.93 4.53 -3.37
CA GLU A 153 0.87 5.81 -4.10
C GLU A 153 -0.13 6.81 -3.49
N CYS A 154 0.30 8.09 -3.53
CA CYS A 154 -0.62 9.20 -3.25
C CYS A 154 -1.42 9.44 -4.53
N VAL A 155 -2.33 10.46 -4.51
CA VAL A 155 -3.25 10.70 -5.63
C VAL A 155 -3.35 12.22 -5.82
N CYS A 156 -3.29 12.65 -7.08
CA CYS A 156 -3.33 14.09 -7.39
C CYS A 156 -4.46 14.33 -8.38
N ILE A 157 -5.23 15.41 -8.10
CA ILE A 157 -6.32 15.86 -9.00
C ILE A 157 -6.13 17.35 -9.24
N ASN A 158 -5.98 17.73 -10.51
CA ASN A 158 -5.84 19.14 -10.89
C ASN A 158 -4.69 19.81 -10.17
N GLY A 159 -3.59 19.06 -9.92
CA GLY A 159 -2.39 19.63 -9.33
C GLY A 159 -2.41 19.59 -7.81
N THR A 160 -3.50 19.16 -7.18
CA THR A 160 -3.50 19.02 -5.71
C THR A 160 -3.34 17.54 -5.36
N CYS A 161 -2.23 17.22 -4.73
CA CYS A 161 -1.96 15.83 -4.33
C CYS A 161 -2.33 15.65 -2.88
N THR A 162 -2.89 14.49 -2.53
CA THR A 162 -3.23 14.26 -1.14
CA THR A 162 -3.33 14.17 -1.18
C THR A 162 -2.53 13.01 -0.62
N VAL A 163 -2.16 13.07 0.66
CA VAL A 163 -1.49 11.93 1.27
CA VAL A 163 -1.35 12.04 1.32
C VAL A 163 -1.93 11.86 2.72
N VAL A 164 -2.14 10.63 3.19
CA VAL A 164 -2.59 10.39 4.56
C VAL A 164 -1.37 10.04 5.40
N MET A 165 -1.25 10.66 6.59
CA MET A 165 -0.15 10.41 7.54
C MET A 165 -0.68 10.20 8.94
N THR A 166 0.03 9.43 9.75
CA THR A 166 -0.36 9.13 11.12
C THR A 166 0.82 9.38 12.02
N ASP A 167 0.56 9.78 13.26
CA ASP A 167 1.57 9.95 14.27
C ASP A 167 0.91 9.62 15.60
N GLY A 168 1.53 8.76 16.38
CA GLY A 168 0.91 8.34 17.66
C GLY A 168 0.93 6.84 17.79
N SER A 169 0.25 6.30 18.83
CA SER A 169 0.24 4.88 19.13
C SER A 169 -0.21 3.96 17.98
N ALA A 170 0.41 2.78 17.86
CA ALA A 170 -0.03 1.74 16.90
C ALA A 170 -1.06 0.81 17.55
N SER A 171 -1.49 1.10 18.81
CA SER A 171 -2.37 0.17 19.54
C SER A 171 -3.31 0.95 20.46
N GLY A 172 -3.65 2.17 20.03
CA GLY A 172 -4.43 3.12 20.80
C GLY A 172 -4.79 4.29 19.89
N LYS A 173 -5.58 5.28 20.37
CA LYS A 173 -5.92 6.49 19.64
C LYS A 173 -4.61 7.15 19.20
N ALA A 174 -4.54 7.56 17.91
CA ALA A 174 -3.39 8.24 17.30
C ALA A 174 -3.92 9.47 16.58
N ASP A 175 -3.01 10.26 16.00
CA ASP A 175 -3.42 11.47 15.33
C ASP A 175 -3.12 11.31 13.84
N THR A 176 -4.17 11.12 13.06
CA THR A 176 -4.04 10.99 11.60
C THR A 176 -4.42 12.32 10.95
N LYS A 177 -3.68 12.72 9.92
CA LYS A 177 -3.95 13.95 9.18
C LYS A 177 -3.84 13.70 7.68
N ILE A 178 -4.56 14.46 6.92
CA ILE A 178 -4.56 14.39 5.45
C ILE A 178 -3.95 15.69 4.97
N LEU A 179 -2.85 15.59 4.20
CA LEU A 179 -2.16 16.79 3.69
C LEU A 179 -2.52 16.98 2.24
N PHE A 180 -2.60 18.25 1.81
CA PHE A 180 -2.90 18.63 0.46
C PHE A 180 -1.73 19.47 -0.05
N ILE A 181 -1.12 19.01 -1.17
CA ILE A 181 0.23 19.42 -1.54
C ILE A 181 0.18 19.83 -3.01
N GLU A 182 0.60 21.08 -3.33
CA GLU A 182 0.57 21.58 -4.69
C GLU A 182 2.00 21.96 -5.11
N GLU A 183 2.50 21.21 -6.09
CA GLU A 183 3.89 21.36 -6.55
CA GLU A 183 3.88 21.35 -6.56
C GLU A 183 4.86 21.26 -5.39
N GLY A 184 4.60 20.31 -4.49
CA GLY A 184 5.49 20.03 -3.36
C GLY A 184 5.22 20.86 -2.10
N LYS A 185 4.40 21.91 -2.20
CA LYS A 185 4.15 22.78 -1.06
CA LYS A 185 4.14 22.79 -1.06
C LYS A 185 2.86 22.37 -0.35
N ILE A 186 2.95 22.20 0.97
CA ILE A 186 1.74 21.85 1.72
C ILE A 186 0.85 23.09 1.78
N VAL A 187 -0.36 23.01 1.24
CA VAL A 187 -1.29 24.13 1.23
C VAL A 187 -2.38 23.98 2.28
N HIS A 188 -2.64 22.78 2.79
CA HIS A 188 -3.65 22.61 3.84
C HIS A 188 -3.39 21.29 4.53
N THR A 189 -3.76 21.18 5.80
CA THR A 189 -3.72 19.92 6.53
C THR A 189 -5.07 19.76 7.23
N SER A 190 -5.74 18.62 7.02
CA SER A 190 -7.03 18.38 7.67
C SER A 190 -6.87 17.23 8.66
N PRO A 191 -7.44 17.25 9.88
CA PRO A 191 -7.43 16.07 10.74
C PRO A 191 -8.37 15.01 10.17
N LEU A 192 -8.08 13.72 10.46
CA LEU A 192 -9.06 12.68 10.23
C LEU A 192 -10.36 13.04 10.97
N SER A 193 -11.48 12.72 10.33
CA SER A 193 -12.80 12.87 10.95
C SER A 193 -13.58 11.64 10.52
N GLY A 194 -14.65 11.33 11.25
CA GLY A 194 -15.57 10.26 10.90
C GLY A 194 -15.45 9.10 11.85
N SER A 195 -15.98 7.94 11.43
CA SER A 195 -16.05 6.79 12.34
CA SER A 195 -16.07 6.77 12.30
C SER A 195 -14.85 5.85 12.31
N ALA A 196 -13.87 6.10 11.42
CA ALA A 196 -12.68 5.25 11.53
C ALA A 196 -11.91 5.59 12.79
N GLN A 197 -11.60 4.58 13.60
CA GLN A 197 -10.98 4.82 14.91
C GLN A 197 -9.46 4.74 14.93
N HIS A 198 -8.88 4.06 13.95
CA HIS A 198 -7.42 3.94 13.84
CA HIS A 198 -7.44 3.88 13.84
C HIS A 198 -7.14 3.72 12.36
N VAL A 199 -6.20 4.54 11.84
CA VAL A 199 -5.94 4.50 10.40
C VAL A 199 -4.42 4.50 10.19
N GLU A 200 -3.95 3.49 9.43
CA GLU A 200 -2.54 3.32 9.08
C GLU A 200 -2.49 2.91 7.61
N GLU A 201 -1.37 3.28 6.94
CA GLU A 201 -0.97 2.63 5.68
C GLU A 201 -2.10 2.61 4.67
N CYS A 202 -2.67 3.79 4.40
CA CYS A 202 -3.82 3.83 3.51
C CYS A 202 -3.45 3.50 2.06
N SER A 203 -4.34 2.76 1.39
CA SER A 203 -4.27 2.47 -0.04
C SER A 203 -5.33 3.32 -0.72
N CYS A 204 -4.89 4.35 -1.41
CA CYS A 204 -5.80 5.38 -1.91
C CYS A 204 -5.89 5.35 -3.41
N TYR A 205 -7.02 5.83 -3.94
CA TYR A 205 -7.24 5.86 -5.37
C TYR A 205 -8.12 7.06 -5.75
N PRO A 206 -7.97 7.58 -6.97
CA PRO A 206 -8.86 8.66 -7.43
C PRO A 206 -10.25 8.14 -7.68
N ARG A 207 -11.21 8.87 -7.13
CA ARG A 207 -12.64 8.58 -7.37
C ARG A 207 -13.30 9.94 -7.61
N TYR A 208 -13.12 10.42 -8.84
CA TYR A 208 -13.40 11.81 -9.17
C TYR A 208 -14.80 12.17 -8.66
N PRO A 209 -14.97 13.35 -7.99
CA PRO A 209 -13.98 14.44 -7.90
C PRO A 209 -13.02 14.42 -6.72
N GLY A 210 -13.01 13.33 -5.93
CA GLY A 210 -12.12 13.23 -4.80
C GLY A 210 -11.26 11.96 -4.76
N VAL A 211 -10.83 11.64 -3.55
CA VAL A 211 -9.91 10.49 -3.37
C VAL A 211 -10.51 9.60 -2.31
N ARG A 212 -10.44 8.28 -2.51
CA ARG A 212 -10.96 7.29 -1.57
C ARG A 212 -9.82 6.38 -1.12
N CYS A 213 -9.78 6.06 0.16
CA CYS A 213 -8.69 5.24 0.71
C CYS A 213 -9.28 4.10 1.50
N VAL A 214 -8.61 2.95 1.47
CA VAL A 214 -8.93 1.81 2.31
C VAL A 214 -7.68 1.44 3.06
N CYS A 215 -7.77 1.32 4.39
CA CYS A 215 -6.57 1.37 5.23
C CYS A 215 -6.47 0.18 6.17
N ARG A 216 -5.62 0.30 7.20
CA ARG A 216 -5.31 -0.73 8.17
C ARG A 216 -5.65 -0.14 9.55
N ASP A 217 -6.52 -0.84 10.31
CA ASP A 217 -6.80 -0.49 11.69
C ASP A 217 -5.94 -1.47 12.50
N ASN A 218 -4.99 -0.95 13.25
CA ASN A 218 -4.10 -1.77 13.99
C ASN A 218 -4.51 -2.00 15.44
N TRP A 219 -5.69 -1.49 15.79
CA TRP A 219 -6.08 -1.45 17.19
C TRP A 219 -7.26 -2.37 17.49
N LYS A 220 -8.45 -2.06 16.94
CA LYS A 220 -9.62 -2.83 17.33
C LYS A 220 -10.35 -3.43 16.13
N GLY A 221 -9.90 -3.18 14.89
CA GLY A 221 -10.64 -3.72 13.76
C GLY A 221 -9.86 -4.75 12.90
N SER A 222 -10.52 -5.86 12.55
CA SER A 222 -10.03 -6.70 11.44
C SER A 222 -10.79 -6.35 10.14
N ASN A 223 -11.82 -5.47 10.20
CA ASN A 223 -12.42 -4.81 9.06
C ASN A 223 -11.58 -3.56 8.72
N ARG A 224 -11.52 -3.23 7.44
CA ARG A 224 -10.63 -2.13 7.06
C ARG A 224 -11.36 -0.78 7.08
N PRO A 225 -10.71 0.27 7.60
CA PRO A 225 -11.27 1.62 7.48
C PRO A 225 -11.30 2.13 6.06
N ILE A 226 -12.24 3.02 5.79
CA ILE A 226 -12.35 3.81 4.58
C ILE A 226 -12.16 5.27 4.96
N VAL A 227 -11.37 6.03 4.20
CA VAL A 227 -11.28 7.49 4.37
C VAL A 227 -11.54 8.12 3.03
N ASP A 228 -12.52 9.05 2.98
CA ASP A 228 -12.81 9.80 1.76
C ASP A 228 -12.35 11.24 1.92
N ILE A 229 -11.74 11.77 0.85
CA ILE A 229 -11.08 13.07 0.89
C ILE A 229 -11.62 13.93 -0.24
N ASN A 230 -12.11 15.14 0.17
CA ASN A 230 -12.50 16.16 -0.79
C ASN A 230 -11.34 17.11 -1.04
N VAL A 231 -10.85 17.15 -2.30
CA VAL A 231 -9.65 17.92 -2.60
C VAL A 231 -9.93 19.40 -2.86
N LYS A 232 -11.23 19.74 -2.97
CA LYS A 232 -11.64 21.13 -3.22
C LYS A 232 -11.80 21.87 -1.89
N ASP A 233 -12.51 21.28 -0.92
CA ASP A 233 -12.75 21.99 0.32
C ASP A 233 -12.09 21.36 1.53
N TYR A 234 -11.34 20.25 1.31
CA TYR A 234 -10.46 19.65 2.32
C TYR A 234 -11.22 18.87 3.38
N SER A 235 -12.53 18.64 3.17
CA SER A 235 -13.29 17.88 4.16
C SER A 235 -13.00 16.36 4.07
N ILE A 236 -13.25 15.68 5.17
CA ILE A 236 -12.88 14.28 5.36
C ILE A 236 -14.07 13.57 5.94
N VAL A 237 -14.36 12.35 5.47
CA VAL A 237 -15.29 11.46 6.18
C VAL A 237 -14.66 10.07 6.25
N SER A 238 -15.13 9.21 7.14
CA SER A 238 -14.52 7.89 7.27
C SER A 238 -15.47 6.91 7.90
N SER A 239 -15.26 5.63 7.62
CA SER A 239 -16.08 4.54 8.17
C SER A 239 -15.32 3.24 7.94
N TYR A 240 -16.03 2.10 7.84
CA TYR A 240 -15.35 0.81 7.61
C TYR A 240 -16.02 0.10 6.45
N VAL A 241 -15.24 -0.70 5.69
CA VAL A 241 -15.78 -1.51 4.61
C VAL A 241 -16.92 -2.39 5.16
N CYS A 242 -18.06 -2.36 4.46
CA CYS A 242 -19.26 -3.04 4.95
C CYS A 242 -19.14 -4.57 4.97
N SER A 243 -18.37 -5.12 3.97
CA SER A 243 -18.29 -6.57 3.78
C SER A 243 -18.04 -7.32 5.06
N GLY A 244 -18.87 -8.38 5.29
CA GLY A 244 -18.60 -9.27 6.41
C GLY A 244 -17.45 -10.25 6.18
N LEU A 245 -17.04 -10.35 4.90
CA LEU A 245 -15.71 -10.96 4.59
C LEU A 245 -14.65 -9.88 4.75
N VAL A 246 -13.89 -9.94 5.84
CA VAL A 246 -13.07 -8.78 6.23
C VAL A 246 -11.66 -8.96 5.67
N GLY A 247 -10.96 -7.84 5.54
CA GLY A 247 -9.74 -7.80 4.71
C GLY A 247 -8.45 -7.82 5.49
N ASP A 248 -8.43 -7.70 6.84
CA ASP A 248 -7.20 -7.61 7.58
C ASP A 248 -6.69 -8.99 7.97
N THR A 249 -5.44 -9.03 8.46
CA THR A 249 -4.84 -10.23 9.03
C THR A 249 -4.06 -9.74 10.24
N PRO A 250 -4.31 -10.22 11.47
CA PRO A 250 -5.21 -11.35 11.75
C PRO A 250 -6.70 -11.02 11.65
N ARG A 251 -7.49 -12.08 11.62
CA ARG A 251 -8.95 -11.98 11.58
C ARG A 251 -9.51 -13.32 12.08
N LYS A 252 -10.79 -13.30 12.44
CA LYS A 252 -11.48 -14.54 12.74
C LYS A 252 -11.81 -15.27 11.45
N ASN A 253 -12.35 -16.50 11.60
CA ASN A 253 -12.77 -17.24 10.42
C ASN A 253 -13.99 -16.62 9.72
N ASP A 254 -14.37 -17.09 8.54
CA ASP A 254 -15.37 -16.41 7.73
C ASP A 254 -16.73 -16.43 8.43
N SER A 255 -17.04 -17.51 9.16
CA SER A 255 -18.37 -17.50 9.81
C SER A 255 -18.44 -16.54 11.01
N SER A 256 -17.38 -16.38 11.77
CA SER A 256 -17.28 -15.56 12.95
C SER A 256 -17.04 -14.10 12.62
N SER A 257 -16.39 -13.81 11.46
CA SER A 257 -16.04 -12.44 11.15
CA SER A 257 -16.05 -12.44 11.14
C SER A 257 -17.30 -11.65 10.81
N SER A 258 -17.23 -10.33 11.05
CA SER A 258 -18.34 -9.48 10.64
C SER A 258 -17.86 -8.03 10.43
N SER A 259 -18.72 -7.25 9.78
CA SER A 259 -18.58 -5.79 9.78
C SER A 259 -19.99 -5.23 9.62
N HIS A 260 -20.22 -4.08 10.30
CA HIS A 260 -21.50 -3.40 10.01
C HIS A 260 -21.29 -1.95 9.60
N CYS A 261 -20.11 -1.61 9.05
CA CYS A 261 -19.83 -0.37 8.30
C CYS A 261 -19.38 0.78 9.20
N LEU A 262 -19.83 0.83 10.46
CA LEU A 262 -19.68 2.06 11.25
C LEU A 262 -18.46 1.97 12.14
N ASP A 263 -18.21 0.82 12.78
CA ASP A 263 -17.26 0.71 13.86
C ASP A 263 -16.24 -0.39 13.55
N PRO A 264 -15.08 -0.34 14.21
CA PRO A 264 -14.18 -1.51 14.20
C PRO A 264 -14.94 -2.68 14.81
N ASN A 265 -14.71 -3.87 14.28
CA ASN A 265 -15.46 -5.06 14.66
C ASN A 265 -15.01 -5.67 15.98
N ASN A 266 -13.88 -5.26 16.56
CA ASN A 266 -13.38 -5.83 17.80
CA ASN A 266 -13.34 -5.82 17.79
C ASN A 266 -13.18 -7.34 17.67
N GLU A 267 -12.78 -7.81 16.47
CA GLU A 267 -12.57 -9.24 16.26
C GLU A 267 -11.11 -9.46 15.85
N GLU A 268 -10.29 -9.95 16.77
CA GLU A 268 -8.86 -10.09 16.48
C GLU A 268 -8.34 -8.79 15.89
N GLY A 269 -8.74 -7.65 16.46
CA GLY A 269 -8.51 -6.40 15.76
C GLY A 269 -7.09 -5.89 15.88
N GLY A 270 -6.38 -6.27 16.96
CA GLY A 270 -5.00 -5.81 17.17
C GLY A 270 -4.05 -6.30 16.06
N HIS A 271 -3.10 -5.42 15.70
CA HIS A 271 -2.17 -5.74 14.62
C HIS A 271 -2.95 -5.66 13.32
N GLY A 272 -2.30 -6.07 12.24
CA GLY A 272 -2.92 -5.89 10.93
C GLY A 272 -1.86 -6.03 9.84
N VAL A 273 -2.30 -5.76 8.61
CA VAL A 273 -1.38 -5.75 7.46
C VAL A 273 -1.92 -4.70 6.52
N LYS A 274 -1.01 -4.00 5.79
CA LYS A 274 -1.50 -3.09 4.77
C LYS A 274 -2.23 -3.86 3.67
N GLY A 275 -3.37 -3.32 3.24
CA GLY A 275 -4.13 -3.95 2.16
C GLY A 275 -5.02 -2.94 1.47
N TRP A 276 -6.00 -3.44 0.70
CA TRP A 276 -6.77 -2.56 -0.19
C TRP A 276 -8.14 -3.16 -0.47
N ALA A 277 -9.01 -2.29 -1.00
CA ALA A 277 -10.31 -2.69 -1.55
C ALA A 277 -10.78 -1.51 -2.40
N PHE A 278 -11.77 -1.74 -3.29
CA PHE A 278 -12.35 -0.61 -3.99
C PHE A 278 -13.79 -0.94 -4.33
N ASP A 279 -14.59 0.12 -4.42
CA ASP A 279 -16.02 -0.04 -4.73
C ASP A 279 -16.26 -0.18 -6.21
N ASP A 280 -17.33 -0.95 -6.51
CA ASP A 280 -17.85 -1.13 -7.87
C ASP A 280 -19.38 -1.15 -7.77
N GLY A 281 -19.92 0.07 -7.87
CA GLY A 281 -21.34 0.22 -7.51
C GLY A 281 -21.55 -0.14 -6.04
N ASN A 282 -22.52 -1.03 -5.77
CA ASN A 282 -22.75 -1.49 -4.42
C ASN A 282 -21.83 -2.65 -3.98
N ASP A 283 -21.02 -3.15 -4.94
CA ASP A 283 -20.15 -4.30 -4.66
C ASP A 283 -18.76 -3.80 -4.28
N VAL A 284 -17.99 -4.71 -3.69
CA VAL A 284 -16.59 -4.36 -3.34
C VAL A 284 -15.67 -5.43 -3.93
N TRP A 285 -14.55 -4.95 -4.55
CA TRP A 285 -13.46 -5.86 -4.92
C TRP A 285 -12.39 -5.69 -3.85
N MET A 286 -11.83 -6.81 -3.40
CA MET A 286 -10.86 -6.74 -2.30
C MET A 286 -9.87 -7.89 -2.41
N GLY A 287 -8.70 -7.65 -1.83
CA GLY A 287 -7.69 -8.70 -1.65
C GLY A 287 -7.52 -8.99 -0.16
N ARG A 288 -6.95 -10.14 0.17
CA ARG A 288 -6.55 -10.41 1.53
C ARG A 288 -5.62 -11.64 1.54
N THR A 289 -4.92 -11.85 2.67
CA THR A 289 -4.12 -13.08 2.78
C THR A 289 -5.09 -14.26 2.87
N ILE A 290 -4.69 -15.46 2.40
CA ILE A 290 -5.56 -16.65 2.55
C ILE A 290 -5.58 -17.13 3.99
N SER A 291 -4.44 -17.19 4.66
CA SER A 291 -4.42 -17.48 6.07
C SER A 291 -5.14 -16.36 6.82
N GLU A 292 -5.83 -16.74 7.92
CA GLU A 292 -6.45 -15.75 8.80
C GLU A 292 -5.52 -15.25 9.88
N LYS A 293 -4.37 -15.90 10.09
CA LYS A 293 -3.45 -15.56 11.17
C LYS A 293 -2.10 -15.05 10.68
N LEU A 294 -1.67 -15.56 9.53
CA LEU A 294 -0.32 -15.29 9.04
C LEU A 294 -0.41 -14.63 7.67
N ARG A 295 0.70 -14.03 7.24
CA ARG A 295 0.79 -13.38 5.94
C ARG A 295 1.19 -14.44 4.92
N SER A 296 0.27 -15.36 4.66
CA SER A 296 0.47 -16.52 3.81
C SER A 296 -0.68 -16.63 2.83
N GLY A 297 -0.38 -16.81 1.56
CA GLY A 297 -1.33 -16.80 0.46
C GLY A 297 -1.89 -15.41 0.17
N TYR A 298 -2.58 -15.34 -0.96
CA TYR A 298 -3.24 -14.08 -1.29
C TYR A 298 -4.34 -14.38 -2.28
N GLU A 299 -5.55 -13.86 -1.96
CA GLU A 299 -6.77 -14.08 -2.78
C GLU A 299 -7.44 -12.75 -3.03
N THR A 300 -8.13 -12.67 -4.17
CA THR A 300 -9.03 -11.56 -4.45
C THR A 300 -10.41 -12.13 -4.72
N PHE A 301 -11.43 -11.27 -4.52
CA PHE A 301 -12.80 -11.64 -4.90
C PHE A 301 -13.67 -10.39 -4.83
N LYS A 302 -14.89 -10.54 -5.40
CA LYS A 302 -15.91 -9.50 -5.31
C LYS A 302 -16.92 -9.94 -4.26
N VAL A 303 -17.29 -9.04 -3.34
CA VAL A 303 -18.41 -9.33 -2.43
C VAL A 303 -19.61 -8.56 -2.96
N ILE A 304 -20.67 -9.34 -3.31
CA ILE A 304 -21.89 -8.73 -3.84
C ILE A 304 -22.61 -7.94 -2.74
N GLU A 305 -22.83 -6.66 -3.06
CA GLU A 305 -23.38 -5.67 -2.12
C GLU A 305 -22.46 -5.44 -0.94
N GLY A 306 -21.16 -5.82 -1.09
CA GLY A 306 -20.24 -5.69 0.04
C GLY A 306 -19.74 -4.25 0.29
N TRP A 307 -20.04 -3.30 -0.61
CA TRP A 307 -19.78 -1.90 -0.28
C TRP A 307 -20.95 -1.26 0.48
N SER A 308 -22.19 -1.67 0.17
CA SER A 308 -23.38 -0.93 0.66
C SER A 308 -24.15 -1.67 1.75
N LYS A 309 -24.14 -3.01 1.78
CA LYS A 309 -24.99 -3.76 2.70
C LYS A 309 -24.14 -4.22 3.87
N PRO A 310 -24.45 -3.85 5.13
CA PRO A 310 -23.71 -4.28 6.30
C PRO A 310 -23.64 -5.80 6.35
N ASN A 311 -22.40 -6.31 6.47
CA ASN A 311 -22.08 -7.70 6.79
C ASN A 311 -22.35 -8.66 5.64
N SER A 312 -22.44 -8.18 4.38
CA SER A 312 -22.63 -9.09 3.26
C SER A 312 -21.43 -10.06 3.18
N LYS A 313 -21.70 -11.35 2.96
CA LYS A 313 -20.64 -12.36 2.78
C LYS A 313 -20.83 -13.11 1.47
N LEU A 314 -21.51 -12.53 0.52
CA LEU A 314 -21.79 -13.24 -0.72
C LEU A 314 -20.65 -12.98 -1.72
N GLN A 315 -19.70 -13.91 -1.76
CA GLN A 315 -18.60 -13.65 -2.71
C GLN A 315 -18.79 -14.33 -4.05
N ILE A 316 -18.07 -13.78 -5.03
CA ILE A 316 -18.01 -14.39 -6.35
C ILE A 316 -16.68 -13.94 -6.99
N ASN A 317 -16.25 -14.65 -8.04
CA ASN A 317 -15.12 -14.21 -8.86
C ASN A 317 -13.82 -14.30 -8.03
N ARG A 318 -13.69 -15.28 -7.18
CA ARG A 318 -12.44 -15.44 -6.45
C ARG A 318 -11.32 -15.78 -7.43
N GLN A 319 -10.11 -15.28 -7.09
CA GLN A 319 -8.87 -15.68 -7.75
C GLN A 319 -7.83 -15.88 -6.67
N VAL A 320 -7.06 -16.99 -6.78
CA VAL A 320 -5.82 -17.13 -6.01
C VAL A 320 -4.67 -16.41 -6.74
N ILE A 321 -4.01 -15.51 -6.01
CA ILE A 321 -2.82 -14.86 -6.58
C ILE A 321 -1.56 -15.56 -6.07
N VAL A 322 -1.52 -15.93 -4.79
CA VAL A 322 -0.42 -16.66 -4.19
C VAL A 322 -1.08 -17.82 -3.42
N ASP A 323 -0.69 -19.05 -3.69
CA ASP A 323 -1.30 -20.17 -2.97
C ASP A 323 -1.01 -20.08 -1.48
N ARG A 324 -1.91 -20.77 -0.70
CA ARG A 324 -1.80 -20.76 0.74
C ARG A 324 -0.47 -21.28 1.31
N GLY A 325 0.24 -22.10 0.55
CA GLY A 325 1.54 -22.58 0.99
C GLY A 325 2.73 -21.60 0.89
N ASN A 326 2.49 -20.39 0.42
CA ASN A 326 3.59 -19.47 0.10
C ASN A 326 3.36 -18.13 0.79
N ARG A 327 4.43 -17.40 1.03
CA ARG A 327 4.35 -16.15 1.79
C ARG A 327 3.85 -14.99 0.94
N SER A 328 3.06 -14.13 1.62
CA SER A 328 2.63 -12.85 1.06
C SER A 328 3.17 -11.75 1.96
N GLY A 329 2.39 -10.70 2.26
CA GLY A 329 2.94 -9.50 2.85
C GLY A 329 1.95 -8.37 2.64
N TYR A 330 2.48 -7.13 2.66
CA TYR A 330 1.68 -5.95 2.33
C TYR A 330 1.07 -6.06 0.94
N SER A 331 0.01 -5.33 0.69
CA SER A 331 -0.54 -5.18 -0.64
C SER A 331 -1.15 -3.79 -0.74
N GLY A 332 -1.30 -3.31 -1.97
CA GLY A 332 -1.83 -1.97 -2.13
C GLY A 332 -2.33 -1.76 -3.54
N ILE A 333 -3.08 -0.68 -3.71
CA ILE A 333 -3.71 -0.35 -4.98
C ILE A 333 -2.90 0.73 -5.73
N PHE A 334 -3.03 0.69 -7.05
CA PHE A 334 -2.63 1.86 -7.86
C PHE A 334 -3.62 1.94 -9.01
N SER A 335 -3.69 3.12 -9.63
CA SER A 335 -4.68 3.34 -10.69
C SER A 335 -3.98 3.80 -11.97
N VAL A 336 -4.52 3.37 -13.12
CA VAL A 336 -3.86 3.58 -14.42
C VAL A 336 -4.91 4.08 -15.40
N GLU A 337 -4.61 5.21 -16.04
CA GLU A 337 -5.58 5.79 -16.98
C GLU A 337 -5.53 5.08 -18.32
N GLY A 338 -6.67 4.59 -18.78
CA GLY A 338 -6.78 4.06 -20.14
C GLY A 338 -7.43 5.06 -21.06
N LYS A 339 -7.75 4.59 -22.28
CA LYS A 339 -8.33 5.48 -23.28
C LYS A 339 -9.65 6.07 -22.82
N SER A 340 -10.49 5.26 -22.17
CA SER A 340 -11.83 5.75 -21.84
C SER A 340 -12.20 5.51 -20.38
N CYS A 341 -11.31 4.90 -19.57
CA CYS A 341 -11.69 4.57 -18.21
C CYS A 341 -10.42 4.51 -17.36
N ILE A 342 -10.61 4.58 -16.05
CA ILE A 342 -9.50 4.45 -15.10
C ILE A 342 -9.52 3.05 -14.51
N ASN A 343 -8.39 2.33 -14.66
CA ASN A 343 -8.33 0.96 -14.18
C ASN A 343 -7.73 0.91 -12.77
N ARG A 344 -8.04 -0.18 -12.05
CA ARG A 344 -7.48 -0.42 -10.73
C ARG A 344 -6.57 -1.63 -10.83
N CYS A 345 -5.41 -1.50 -10.20
CA CYS A 345 -4.41 -2.57 -10.18
C CYS A 345 -3.95 -2.72 -8.74
N PHE A 346 -3.24 -3.84 -8.46
CA PHE A 346 -2.69 -3.99 -7.11
C PHE A 346 -1.36 -4.75 -7.20
N TYR A 347 -0.54 -4.56 -6.17
CA TYR A 347 0.69 -5.32 -5.97
C TYR A 347 0.55 -6.10 -4.68
N VAL A 348 1.37 -7.19 -4.59
CA VAL A 348 1.55 -7.97 -3.36
C VAL A 348 3.03 -8.06 -3.07
N GLU A 349 3.41 -7.70 -1.85
CA GLU A 349 4.77 -7.86 -1.33
C GLU A 349 4.90 -9.31 -0.89
N LEU A 350 5.95 -10.01 -1.36
CA LEU A 350 6.17 -11.43 -1.03
C LEU A 350 7.38 -11.44 -0.12
N ILE A 351 7.18 -11.49 1.20
CA ILE A 351 8.25 -11.31 2.17
C ILE A 351 8.98 -12.65 2.35
N ARG A 352 10.33 -12.60 2.37
CA ARG A 352 11.13 -13.79 2.67
C ARG A 352 12.11 -13.50 3.79
N GLY A 353 12.52 -14.55 4.51
CA GLY A 353 13.52 -14.38 5.56
C GLY A 353 12.94 -14.24 6.97
N ARG A 354 13.75 -13.64 7.83
CA ARG A 354 13.40 -13.59 9.26
C ARG A 354 12.23 -12.65 9.49
N LYS A 355 11.44 -12.87 10.56
CA LYS A 355 11.71 -13.88 11.61
C LYS A 355 11.27 -15.30 11.26
N GLN A 356 10.30 -15.43 10.34
CA GLN A 356 9.63 -16.71 10.08
C GLN A 356 10.60 -17.72 9.50
N GLU A 357 11.51 -17.34 8.58
CA GLU A 357 12.41 -18.27 7.94
C GLU A 357 13.81 -18.02 8.52
N THR A 358 14.30 -18.92 9.37
CA THR A 358 15.50 -18.65 10.13
C THR A 358 16.78 -19.18 9.47
N GLU A 359 16.66 -19.81 8.31
CA GLU A 359 17.85 -20.31 7.61
C GLU A 359 18.75 -19.15 7.17
N VAL A 360 18.20 -17.94 7.13
CA VAL A 360 18.95 -16.76 6.69
C VAL A 360 18.86 -15.71 7.79
N LEU A 361 19.75 -14.69 7.71
CA LEU A 361 19.75 -13.64 8.74
C LEU A 361 19.00 -12.39 8.32
N TRP A 362 18.66 -12.30 7.02
CA TRP A 362 18.07 -11.10 6.41
C TRP A 362 16.56 -11.22 6.31
N THR A 363 15.92 -10.08 5.99
CA THR A 363 14.49 -10.01 5.67
C THR A 363 14.40 -9.16 4.40
N SER A 364 13.68 -9.66 3.37
CA SER A 364 13.57 -8.90 2.13
C SER A 364 12.24 -9.27 1.47
N ASN A 365 12.02 -8.85 0.23
CA ASN A 365 10.79 -9.22 -0.46
C ASN A 365 11.01 -9.18 -1.97
N SER A 366 10.08 -9.84 -2.68
CA SER A 366 9.85 -9.59 -4.12
C SER A 366 8.41 -9.10 -4.31
N ILE A 367 8.04 -8.83 -5.56
CA ILE A 367 6.67 -8.37 -5.80
C ILE A 367 6.03 -9.16 -6.92
N VAL A 368 4.68 -9.20 -6.89
CA VAL A 368 3.85 -9.60 -8.03
C VAL A 368 2.73 -8.58 -8.17
N VAL A 369 2.28 -8.38 -9.41
CA VAL A 369 1.40 -7.24 -9.71
C VAL A 369 0.36 -7.69 -10.73
N PHE A 370 -0.91 -7.36 -10.43
CA PHE A 370 -2.07 -7.71 -11.27
C PHE A 370 -2.86 -6.45 -11.58
N CYS A 371 -3.55 -6.43 -12.73
CA CYS A 371 -4.39 -5.26 -13.10
C CYS A 371 -5.82 -5.71 -13.39
N GLY A 372 -6.76 -4.83 -13.06
CA GLY A 372 -8.16 -5.14 -13.46
C GLY A 372 -8.28 -5.44 -14.94
N THR A 373 -9.24 -6.34 -15.24
CA THR A 373 -9.57 -6.64 -16.62
C THR A 373 -11.10 -6.63 -16.79
N SER A 374 -11.49 -6.28 -18.01
CA SER A 374 -12.90 -6.51 -18.39
C SER A 374 -13.05 -7.76 -19.21
N GLY A 375 -11.93 -8.47 -19.46
CA GLY A 375 -11.90 -9.69 -20.25
C GLY A 375 -12.07 -10.93 -19.38
N THR A 376 -11.42 -12.01 -19.82
CA THR A 376 -11.49 -13.30 -19.15
C THR A 376 -10.08 -13.73 -18.73
N TYR A 377 -10.02 -14.81 -17.97
CA TYR A 377 -8.76 -15.24 -17.36
C TYR A 377 -8.94 -16.62 -16.79
N GLY A 378 -7.83 -17.25 -16.40
CA GLY A 378 -7.83 -18.59 -15.83
C GLY A 378 -7.42 -18.61 -14.38
N THR A 379 -6.55 -19.55 -13.99
CA THR A 379 -6.06 -19.73 -12.63
C THR A 379 -4.55 -19.95 -12.61
N GLY A 380 -3.97 -19.69 -11.45
CA GLY A 380 -2.53 -19.92 -11.28
C GLY A 380 -2.16 -19.58 -9.85
N SER A 381 -0.83 -19.52 -9.61
CA SER A 381 -0.25 -19.05 -8.35
C SER A 381 1.13 -18.55 -8.67
N TRP A 382 1.46 -17.34 -8.21
CA TRP A 382 2.71 -16.67 -8.60
C TRP A 382 3.45 -16.22 -7.32
N PRO A 383 4.03 -17.17 -6.57
CA PRO A 383 4.74 -16.86 -5.33
C PRO A 383 6.14 -16.35 -5.59
N ASP A 384 6.84 -15.99 -4.51
CA ASP A 384 8.20 -15.48 -4.66
C ASP A 384 9.09 -16.45 -5.45
N GLY A 385 9.07 -17.73 -5.05
CA GLY A 385 9.79 -18.78 -5.78
C GLY A 385 11.24 -19.04 -5.35
N ALA A 386 11.81 -18.26 -4.43
CA ALA A 386 13.18 -18.60 -4.01
C ALA A 386 13.16 -19.83 -3.13
N ASP A 387 14.25 -20.60 -3.25
CA ASP A 387 14.48 -21.72 -2.33
C ASP A 387 15.38 -21.18 -1.21
N ILE A 388 14.80 -21.10 0.01
CA ILE A 388 15.54 -20.49 1.13
C ILE A 388 16.90 -21.16 1.37
N ASN A 389 17.01 -22.46 1.01
CA ASN A 389 18.23 -23.21 1.26
C ASN A 389 19.29 -22.92 0.22
N LEU A 390 18.98 -22.19 -0.86
CA LEU A 390 19.97 -21.80 -1.87
C LEU A 390 20.44 -20.38 -1.68
N MET A 391 19.95 -19.69 -0.64
CA MET A 391 20.25 -18.27 -0.49
C MET A 391 21.56 -18.04 0.31
N PRO A 392 22.26 -16.94 0.05
CA PRO A 392 23.27 -16.50 1.00
C PRO A 392 22.68 -16.30 2.37
N ILE A 393 23.45 -16.60 3.41
CA ILE A 393 22.96 -16.50 4.78
C ILE A 393 22.74 -15.00 5.10
#